data_5WPM
#
_entry.id   5WPM
#
_cell.length_a   41.934
_cell.length_b   37.810
_cell.length_c   70.179
_cell.angle_alpha   90.000
_cell.angle_beta   103.380
_cell.angle_gamma   90.000
#
_symmetry.space_group_name_H-M   'P 1 21 1'
#
loop_
_entity.id
_entity.type
_entity.pdbx_description
1 polymer 'GTPase KRas'
2 polymer 'Ras binding peptide'
3 non-polymer 'PHOSPHOAMINOPHOSPHONIC ACID-GUANYLATE ESTER'
4 non-polymer 'MAGNESIUM ION'
5 non-polymer 'SULFATE ION'
6 water water
#
loop_
_entity_poly.entity_id
_entity_poly.type
_entity_poly.pdbx_seq_one_letter_code
_entity_poly.pdbx_strand_id
1 'polypeptide(L)'
;MTEYKLVVVGAVGVGKSALTIQLIQNHFVDEYDPTIEDSYRKQVVIDGETCLLDILDTAGQEEYSAMRDQYMRTGEGFLC
VFAINNTKSFEDIHHYREQIKRVKDSEDVPMVLVGNKCDLPSRTVDTKQAQDLARSYGIPFIETSAKTRQGVDDAFYTLV
REIRKH
;
A
2 'polypeptide(L)' GPRRPRCPGDDASIEDLHEYWARLWNYLYRVA B,C
#
loop_
_chem_comp.id
_chem_comp.type
_chem_comp.name
_chem_comp.formula
GNP non-polymer 'PHOSPHOAMINOPHOSPHONIC ACID-GUANYLATE ESTER' 'C10 H17 N6 O13 P3'
MG non-polymer 'MAGNESIUM ION' 'Mg 2'
SO4 non-polymer 'SULFATE ION' 'O4 S -2'
#
# COMPACT_ATOMS: atom_id res chain seq x y z
N MET A 1 -1.18 -13.73 12.06
CA MET A 1 0.28 -14.09 11.96
C MET A 1 0.86 -13.85 10.56
N THR A 2 0.09 -14.17 9.52
CA THR A 2 0.48 -13.88 8.15
C THR A 2 0.42 -12.37 7.89
N GLU A 3 1.46 -11.84 7.25
CA GLU A 3 1.59 -10.41 6.93
C GLU A 3 1.48 -10.22 5.41
N TYR A 4 0.84 -9.13 4.99
CA TYR A 4 0.75 -8.79 3.58
C TYR A 4 1.18 -7.34 3.39
N LYS A 5 2.16 -7.13 2.52
CA LYS A 5 2.70 -5.81 2.22
C LYS A 5 2.02 -5.31 0.95
N LEU A 6 1.07 -4.39 1.12
CA LEU A 6 0.25 -3.87 0.03
C LEU A 6 0.68 -2.45 -0.31
N VAL A 7 0.71 -2.13 -1.61
CA VAL A 7 1.13 -0.81 -2.09
C VAL A 7 -0.03 -0.17 -2.86
N VAL A 8 -0.36 1.07 -2.54
CA VAL A 8 -1.46 1.81 -3.20
C VAL A 8 -0.87 2.87 -4.12
N VAL A 9 -1.19 2.76 -5.42
CA VAL A 9 -0.64 3.65 -6.46
C VAL A 9 -1.76 4.35 -7.25
N GLY A 10 -1.40 5.46 -7.90
CA GLY A 10 -2.37 6.23 -8.70
C GLY A 10 -2.09 7.72 -8.71
N ALA A 11 -2.78 8.43 -9.62
CA ALA A 11 -2.58 9.87 -9.84
C ALA A 11 -2.92 10.70 -8.63
N VAL A 12 -2.51 11.96 -8.68
CA VAL A 12 -2.77 12.92 -7.62
C VAL A 12 -4.28 13.07 -7.46
N GLY A 13 -4.75 12.90 -6.23
CA GLY A 13 -6.11 13.22 -5.83
C GLY A 13 -7.13 12.10 -5.98
N VAL A 14 -6.69 10.92 -6.41
CA VAL A 14 -7.61 9.78 -6.65
C VAL A 14 -8.19 9.17 -5.38
N GLY A 15 -7.52 9.38 -4.25
CA GLY A 15 -7.98 8.93 -2.94
C GLY A 15 -7.19 7.81 -2.31
N LYS A 16 -5.90 7.73 -2.63
CA LYS A 16 -5.00 6.71 -2.09
C LYS A 16 -4.88 6.82 -0.57
N SER A 17 -4.62 8.03 -0.09
CA SER A 17 -4.55 8.31 1.35
C SER A 17 -5.89 8.09 2.03
N ALA A 18 -6.97 8.54 1.39
CA ALA A 18 -8.33 8.35 1.91
C ALA A 18 -8.66 6.87 2.10
N LEU A 19 -8.36 6.06 1.09
CA LEU A 19 -8.57 4.61 1.16
C LEU A 19 -7.76 4.01 2.30
N THR A 20 -6.50 4.41 2.42
CA THR A 20 -5.62 3.93 3.49
C THR A 20 -6.14 4.33 4.86
N ILE A 21 -6.47 5.61 5.02
CA ILE A 21 -7.02 6.14 6.27
C ILE A 21 -8.38 5.51 6.64
N GLN A 22 -9.21 5.23 5.64
CA GLN A 22 -10.52 4.60 5.87
C GLN A 22 -10.34 3.16 6.35
N LEU A 23 -9.48 2.41 5.67
CA LEU A 23 -9.17 1.04 6.07
C LEU A 23 -8.65 0.97 7.51
N ILE A 24 -7.58 1.73 7.77
CA ILE A 24 -6.84 1.61 9.02
C ILE A 24 -7.53 2.27 10.21
N GLN A 25 -7.99 3.51 10.02
CA GLN A 25 -8.50 4.34 11.11
C GLN A 25 -10.03 4.51 11.09
N ASN A 26 -10.71 4.03 10.05
CA ASN A 26 -12.16 4.18 9.89
C ASN A 26 -12.64 5.64 9.95
N HIS A 27 -11.81 6.54 9.40
CA HIS A 27 -12.07 7.97 9.33
C HIS A 27 -12.37 8.36 7.89
N PHE A 28 -13.14 9.43 7.72
CA PHE A 28 -13.06 10.27 6.53
C PHE A 28 -13.26 11.72 6.94
N ASP A 38 0.04 8.18 13.52
CA ASP A 38 -0.46 7.57 12.28
C ASP A 38 -0.01 6.10 12.22
N SER A 39 -0.86 5.26 11.64
CA SER A 39 -0.58 3.82 11.51
C SER A 39 -0.71 3.39 10.06
N TYR A 40 0.12 2.43 9.67
CA TYR A 40 0.08 1.86 8.32
C TYR A 40 -0.12 0.35 8.37
N ARG A 41 -0.79 -0.12 9.42
CA ARG A 41 -0.93 -1.53 9.72
C ARG A 41 -2.29 -1.78 10.36
N LYS A 42 -3.00 -2.81 9.88
CA LYS A 42 -4.30 -3.17 10.44
C LYS A 42 -4.47 -4.69 10.51
N GLN A 43 -4.97 -5.16 11.65
CA GLN A 43 -5.36 -6.54 11.84
C GLN A 43 -6.78 -6.72 11.32
N VAL A 44 -6.94 -7.60 10.33
CA VAL A 44 -8.23 -7.89 9.73
C VAL A 44 -8.47 -9.39 9.78
N VAL A 45 -9.74 -9.77 9.60
CA VAL A 45 -10.11 -11.17 9.46
C VAL A 45 -10.56 -11.35 8.01
N ILE A 46 -9.91 -12.28 7.32
CA ILE A 46 -10.27 -12.63 5.95
C ILE A 46 -10.60 -14.11 5.94
N ASP A 47 -11.88 -14.43 5.81
CA ASP A 47 -12.37 -15.81 5.71
C ASP A 47 -11.98 -16.67 6.92
N GLY A 48 -12.12 -16.10 8.12
CA GLY A 48 -11.78 -16.80 9.37
C GLY A 48 -10.32 -16.78 9.80
N GLU A 49 -9.40 -16.36 8.92
CA GLU A 49 -7.99 -16.20 9.28
C GLU A 49 -7.68 -14.74 9.58
N THR A 50 -7.19 -14.48 10.80
CA THR A 50 -6.67 -13.16 11.14
C THR A 50 -5.39 -12.88 10.34
N CYS A 51 -5.43 -11.83 9.52
CA CYS A 51 -4.32 -11.39 8.69
C CYS A 51 -3.88 -10.01 9.16
N LEU A 52 -2.65 -9.64 8.82
CA LEU A 52 -2.11 -8.31 9.08
C LEU A 52 -1.77 -7.65 7.74
N LEU A 53 -2.28 -6.44 7.53
CA LEU A 53 -2.04 -5.68 6.31
C LEU A 53 -1.12 -4.53 6.63
N ASP A 54 0.02 -4.46 5.93
CA ASP A 54 0.93 -3.30 5.96
C ASP A 54 0.73 -2.55 4.65
N ILE A 55 0.48 -1.24 4.74
CA ILE A 55 0.14 -0.47 3.54
C ILE A 55 1.16 0.61 3.27
N LEU A 56 1.65 0.65 2.03
CA LEU A 56 2.48 1.76 1.54
C LEU A 56 1.57 2.66 0.71
N ASP A 57 1.41 3.88 1.20
CA ASP A 57 0.56 4.88 0.56
C ASP A 57 1.48 5.80 -0.25
N THR A 58 1.57 5.52 -1.55
CA THR A 58 2.51 6.23 -2.44
C THR A 58 1.98 7.62 -2.82
N ALA A 59 2.86 8.43 -3.39
CA ALA A 59 2.52 9.80 -3.83
C ALA A 59 2.06 9.78 -5.28
N GLY A 60 1.06 10.60 -5.59
CA GLY A 60 0.67 10.86 -6.98
C GLY A 60 1.71 11.68 -7.73
N GLN A 61 2.37 12.60 -7.01
CA GLN A 61 3.34 13.52 -7.60
C GLN A 61 4.63 12.76 -7.90
N GLU A 62 5.08 12.79 -9.16
CA GLU A 62 6.29 12.07 -9.56
C GLU A 62 7.55 12.81 -9.11
N GLU A 63 8.42 12.11 -8.38
CA GLU A 63 9.73 12.64 -7.96
C GLU A 63 10.92 12.02 -8.69
N TYR A 64 10.68 11.01 -9.53
CA TYR A 64 11.72 10.38 -10.35
C TYR A 64 12.84 9.84 -9.45
N SER A 65 12.43 9.17 -8.38
CA SER A 65 13.34 8.74 -7.31
C SER A 65 13.65 7.27 -7.46
N ALA A 66 14.95 6.97 -7.55
CA ALA A 66 15.43 5.58 -7.57
C ALA A 66 14.99 4.85 -6.31
N MET A 67 15.20 5.47 -5.15
CA MET A 67 14.94 4.80 -3.87
C MET A 67 13.45 4.56 -3.62
N ARG A 68 12.58 5.46 -4.06
CA ARG A 68 11.11 5.23 -3.98
C ARG A 68 10.70 3.94 -4.68
N ASP A 69 11.29 3.65 -5.85
CA ASP A 69 11.03 2.39 -6.55
C ASP A 69 11.42 1.16 -5.73
N GLN A 70 12.49 1.28 -4.96
CA GLN A 70 13.00 0.15 -4.17
C GLN A 70 12.10 -0.13 -2.94
N TYR A 71 11.49 0.91 -2.37
CA TYR A 71 10.49 0.70 -1.31
C TYR A 71 9.20 0.09 -1.83
N MET A 72 8.81 0.47 -3.05
CA MET A 72 7.68 -0.16 -3.73
C MET A 72 7.94 -1.63 -3.99
N ARG A 73 9.20 -1.97 -4.32
CA ARG A 73 9.62 -3.34 -4.62
C ARG A 73 9.30 -4.38 -3.53
N THR A 74 9.30 -3.98 -2.26
CA THR A 74 8.93 -4.89 -1.16
C THR A 74 7.45 -5.27 -1.17
N GLY A 75 6.61 -4.44 -1.78
CA GLY A 75 5.19 -4.74 -1.94
C GLY A 75 4.92 -6.05 -2.65
N GLU A 76 4.02 -6.85 -2.09
CA GLU A 76 3.58 -8.10 -2.69
C GLU A 76 2.39 -7.91 -3.63
N GLY A 77 1.56 -6.90 -3.36
CA GLY A 77 0.38 -6.58 -4.17
C GLY A 77 0.13 -5.08 -4.28
N PHE A 78 -0.53 -4.68 -5.37
CA PHE A 78 -0.71 -3.27 -5.74
C PHE A 78 -2.16 -2.91 -6.09
N LEU A 79 -2.76 -2.03 -5.29
CA LEU A 79 -4.02 -1.40 -5.68
C LEU A 79 -3.70 -0.26 -6.64
N CYS A 80 -4.18 -0.37 -7.88
CA CYS A 80 -4.06 0.69 -8.88
C CYS A 80 -5.36 1.48 -8.87
N VAL A 81 -5.30 2.68 -8.29
CA VAL A 81 -6.49 3.50 -8.05
C VAL A 81 -6.61 4.61 -9.10
N PHE A 82 -7.79 4.69 -9.72
CA PHE A 82 -8.23 5.89 -10.44
C PHE A 82 -9.51 6.39 -9.76
N ALA A 83 -9.87 7.63 -10.08
CA ALA A 83 -11.13 8.21 -9.64
C ALA A 83 -12.10 8.25 -10.81
N ILE A 84 -13.32 7.74 -10.58
CA ILE A 84 -14.30 7.57 -11.66
C ILE A 84 -14.77 8.87 -12.36
N ASN A 85 -14.58 10.01 -11.69
CA ASN A 85 -14.86 11.33 -12.27
C ASN A 85 -13.63 12.07 -12.82
N ASN A 86 -12.51 11.36 -12.96
CA ASN A 86 -11.25 11.94 -13.45
C ASN A 86 -10.71 11.02 -14.54
N THR A 87 -10.97 11.41 -15.79
CA THR A 87 -10.60 10.61 -16.95
C THR A 87 -9.07 10.51 -17.12
N LYS A 88 -8.38 11.62 -16.89
CA LYS A 88 -6.92 11.65 -16.91
C LYS A 88 -6.32 10.62 -15.95
N SER A 89 -6.92 10.50 -14.75
CA SER A 89 -6.48 9.52 -13.76
C SER A 89 -6.70 8.07 -14.20
N PHE A 90 -7.76 7.83 -14.99
CA PHE A 90 -8.00 6.51 -15.60
C PHE A 90 -7.03 6.26 -16.76
N GLU A 91 -6.79 7.30 -17.58
CA GLU A 91 -5.80 7.23 -18.67
C GLU A 91 -4.38 6.95 -18.16
N ASP A 92 -4.06 7.45 -16.96
CA ASP A 92 -2.76 7.20 -16.32
C ASP A 92 -2.51 5.74 -15.89
N ILE A 93 -3.56 4.91 -15.87
CA ILE A 93 -3.48 3.55 -15.31
C ILE A 93 -2.44 2.62 -15.96
N HIS A 94 -2.28 2.67 -17.29
CA HIS A 94 -1.27 1.81 -17.95
C HIS A 94 0.15 2.14 -17.48
N HIS A 95 0.42 3.43 -17.29
CA HIS A 95 1.72 3.89 -16.78
C HIS A 95 2.03 3.28 -15.41
N TYR A 96 1.03 3.20 -14.54
CA TYR A 96 1.19 2.57 -13.21
C TYR A 96 1.37 1.06 -13.29
N ARG A 97 0.63 0.38 -14.16
CA ARG A 97 0.78 -1.06 -14.36
C ARG A 97 2.17 -1.41 -14.90
N GLU A 98 2.68 -0.59 -15.82
CA GLU A 98 4.03 -0.77 -16.35
C GLU A 98 5.09 -0.35 -15.33
N GLN A 99 4.82 0.72 -14.58
CA GLN A 99 5.68 1.10 -13.45
C GLN A 99 5.82 -0.07 -12.48
N ILE A 100 4.70 -0.70 -12.15
CA ILE A 100 4.67 -1.85 -11.22
C ILE A 100 5.47 -3.04 -11.76
N LYS A 101 5.15 -3.49 -12.97
CA LYS A 101 5.86 -4.63 -13.57
C LYS A 101 7.38 -4.40 -13.66
N ARG A 102 7.78 -3.16 -13.95
CA ARG A 102 9.18 -2.77 -13.99
C ARG A 102 9.89 -2.94 -12.64
N VAL A 103 9.40 -2.26 -11.61
CA VAL A 103 10.07 -2.30 -10.29
C VAL A 103 10.09 -3.72 -9.69
N LYS A 104 9.08 -4.51 -10.02
CA LYS A 104 8.99 -5.91 -9.56
C LYS A 104 9.62 -6.96 -10.49
N ASP A 105 10.01 -6.59 -11.71
CA ASP A 105 10.35 -7.55 -12.79
C ASP A 105 9.23 -8.57 -13.04
N ASP A 108 3.66 -10.61 -13.95
CA ASP A 108 2.77 -11.39 -13.08
C ASP A 108 2.80 -10.88 -11.62
N VAL A 109 2.50 -9.60 -11.46
CA VAL A 109 2.43 -8.95 -10.15
C VAL A 109 0.95 -8.86 -9.75
N PRO A 110 0.58 -9.39 -8.56
CA PRO A 110 -0.79 -9.24 -8.03
C PRO A 110 -1.26 -7.79 -7.99
N MET A 111 -2.46 -7.57 -8.48
CA MET A 111 -2.97 -6.24 -8.77
C MET A 111 -4.48 -6.23 -8.69
N VAL A 112 -5.04 -5.09 -8.31
CA VAL A 112 -6.48 -4.86 -8.32
C VAL A 112 -6.71 -3.46 -8.84
N LEU A 113 -7.45 -3.34 -9.94
CA LEU A 113 -7.92 -2.04 -10.41
C LEU A 113 -8.99 -1.57 -9.43
N VAL A 114 -8.82 -0.35 -8.93
CA VAL A 114 -9.76 0.25 -8.00
C VAL A 114 -10.32 1.52 -8.63
N GLY A 115 -11.64 1.56 -8.82
CA GLY A 115 -12.34 2.77 -9.23
C GLY A 115 -12.90 3.44 -8.00
N ASN A 116 -12.19 4.45 -7.50
CA ASN A 116 -12.56 5.15 -6.28
C ASN A 116 -13.51 6.34 -6.54
N LYS A 117 -14.16 6.80 -5.48
CA LYS A 117 -15.11 7.93 -5.49
C LYS A 117 -16.44 7.55 -6.15
N CYS A 118 -16.86 6.29 -5.98
CA CYS A 118 -18.11 5.82 -6.57
C CYS A 118 -19.37 6.43 -5.93
N ASP A 119 -19.21 7.08 -4.77
CA ASP A 119 -20.27 7.90 -4.17
C ASP A 119 -20.64 9.16 -4.96
N LEU A 120 -19.71 9.67 -5.77
CA LEU A 120 -19.94 10.92 -6.53
C LEU A 120 -20.88 10.69 -7.72
N PRO A 121 -21.79 11.65 -8.00
CA PRO A 121 -22.83 11.49 -9.02
C PRO A 121 -22.32 11.38 -10.46
N SER A 122 -21.53 12.35 -10.90
CA SER A 122 -21.11 12.45 -12.30
C SER A 122 -19.85 11.62 -12.48
N ARG A 123 -19.97 10.53 -13.25
CA ARG A 123 -18.85 9.65 -13.54
C ARG A 123 -18.49 9.68 -15.02
N THR A 124 -17.20 9.88 -15.31
CA THR A 124 -16.69 9.92 -16.67
C THR A 124 -16.19 8.55 -17.15
N VAL A 125 -15.89 7.65 -16.20
CA VAL A 125 -15.47 6.28 -16.52
C VAL A 125 -16.53 5.30 -16.01
N ASP A 126 -17.23 4.65 -16.94
CA ASP A 126 -18.28 3.69 -16.60
C ASP A 126 -17.70 2.34 -16.17
N THR A 127 -18.54 1.51 -15.58
CA THR A 127 -18.15 0.24 -14.95
C THR A 127 -17.58 -0.76 -15.97
N LYS A 128 -18.23 -0.86 -17.13
CA LYS A 128 -17.76 -1.74 -18.21
C LYS A 128 -16.43 -1.28 -18.80
N GLN A 129 -16.29 0.02 -19.02
CA GLN A 129 -15.03 0.62 -19.52
C GLN A 129 -13.85 0.28 -18.59
N ALA A 130 -14.07 0.38 -17.28
CA ALA A 130 -13.07 -0.04 -16.29
C ALA A 130 -12.90 -1.56 -16.27
N GLN A 131 -14.02 -2.29 -16.33
CA GLN A 131 -14.01 -3.76 -16.28
C GLN A 131 -13.46 -4.41 -17.57
N ASP A 132 -13.55 -3.70 -18.69
CA ASP A 132 -12.90 -4.13 -19.94
C ASP A 132 -11.39 -4.19 -19.73
N LEU A 133 -10.83 -3.09 -19.25
CA LEU A 133 -9.40 -2.98 -18.92
C LEU A 133 -8.95 -3.99 -17.87
N ALA A 134 -9.82 -4.28 -16.90
CA ALA A 134 -9.53 -5.21 -15.82
C ALA A 134 -9.45 -6.67 -16.29
N ARG A 135 -10.48 -7.13 -17.02
CA ARG A 135 -10.43 -8.44 -17.69
C ARG A 135 -9.28 -8.53 -18.69
N SER A 136 -9.05 -7.42 -19.40
CA SER A 136 -7.95 -7.33 -20.37
C SER A 136 -6.56 -7.50 -19.73
N TYR A 137 -6.36 -6.92 -18.54
CA TYR A 137 -5.13 -7.16 -17.78
C TYR A 137 -5.12 -8.52 -17.06
N GLY A 138 -6.31 -9.04 -16.75
CA GLY A 138 -6.46 -10.31 -16.04
C GLY A 138 -6.46 -10.12 -14.53
N ILE A 139 -7.04 -9.01 -14.08
CA ILE A 139 -7.07 -8.64 -12.65
C ILE A 139 -8.50 -8.31 -12.23
N PRO A 140 -8.84 -8.53 -10.94
CA PRO A 140 -10.17 -8.14 -10.47
C PRO A 140 -10.35 -6.63 -10.37
N PHE A 141 -11.61 -6.19 -10.43
CA PHE A 141 -11.95 -4.78 -10.36
C PHE A 141 -13.03 -4.56 -9.31
N ILE A 142 -12.80 -3.58 -8.45
CA ILE A 142 -13.72 -3.21 -7.37
C ILE A 142 -13.97 -1.70 -7.44
N GLU A 143 -15.23 -1.32 -7.33
CA GLU A 143 -15.62 0.06 -7.12
C GLU A 143 -15.56 0.37 -5.63
N THR A 144 -14.98 1.52 -5.29
CA THR A 144 -14.80 1.92 -3.91
C THR A 144 -15.22 3.35 -3.65
N SER A 145 -15.54 3.63 -2.38
CA SER A 145 -15.66 4.98 -1.87
C SER A 145 -14.97 5.06 -0.51
N ALA A 146 -13.88 5.81 -0.44
CA ALA A 146 -13.22 6.12 0.82
C ALA A 146 -14.12 6.93 1.75
N LYS A 147 -15.06 7.68 1.17
CA LYS A 147 -16.01 8.50 1.93
C LYS A 147 -17.04 7.67 2.70
N THR A 148 -17.69 6.74 2.01
CA THR A 148 -18.76 5.92 2.60
C THR A 148 -18.27 4.54 3.09
N ARG A 149 -17.02 4.21 2.76
CA ARG A 149 -16.42 2.88 2.97
C ARG A 149 -16.98 1.78 2.04
N GLN A 150 -17.71 2.17 0.98
CA GLN A 150 -18.24 1.19 0.04
C GLN A 150 -17.08 0.47 -0.67
N GLY A 151 -17.08 -0.86 -0.60
CA GLY A 151 -16.07 -1.67 -1.29
C GLY A 151 -14.61 -1.56 -0.84
N VAL A 152 -14.34 -0.82 0.24
CA VAL A 152 -12.97 -0.57 0.69
C VAL A 152 -12.38 -1.86 1.25
N ASP A 153 -13.07 -2.50 2.18
CA ASP A 153 -12.61 -3.80 2.69
C ASP A 153 -12.51 -4.83 1.57
N ASP A 154 -13.53 -4.88 0.72
CA ASP A 154 -13.53 -5.75 -0.45
C ASP A 154 -12.28 -5.58 -1.31
N ALA A 155 -11.87 -4.33 -1.53
CA ALA A 155 -10.69 -4.02 -2.36
C ALA A 155 -9.41 -4.63 -1.79
N PHE A 156 -9.16 -4.34 -0.51
CA PHE A 156 -7.96 -4.83 0.18
C PHE A 156 -7.99 -6.33 0.42
N TYR A 157 -9.14 -6.86 0.84
CA TYR A 157 -9.33 -8.31 1.05
C TYR A 157 -9.19 -9.10 -0.27
N THR A 158 -9.62 -8.50 -1.38
CA THR A 158 -9.47 -9.11 -2.72
C THR A 158 -8.01 -9.11 -3.19
N LEU A 159 -7.26 -8.06 -2.86
CA LEU A 159 -5.82 -8.00 -3.16
C LEU A 159 -5.06 -9.11 -2.43
N VAL A 160 -5.45 -9.38 -1.19
CA VAL A 160 -4.85 -10.45 -0.40
C VAL A 160 -5.08 -11.79 -1.12
N ARG A 161 -6.34 -12.06 -1.46
CA ARG A 161 -6.72 -13.25 -2.25
C ARG A 161 -5.93 -13.35 -3.57
N GLU A 162 -5.67 -12.22 -4.22
CA GLU A 162 -4.85 -12.17 -5.44
C GLU A 162 -3.37 -12.49 -5.22
N ILE A 163 -2.80 -12.04 -4.11
CA ILE A 163 -1.41 -12.35 -3.75
C ILE A 163 -1.24 -13.86 -3.51
N ARG A 164 -2.12 -14.42 -2.69
CA ARG A 164 -2.15 -15.87 -2.44
C ARG A 164 -2.97 -16.58 -3.50
N ARG B 3 8.46 13.68 9.49
CA ARG B 3 7.61 12.85 10.41
C ARG B 3 8.27 11.51 10.79
N ARG B 4 9.55 11.55 11.17
CA ARG B 4 10.33 10.34 11.45
C ARG B 4 9.75 9.58 12.66
N PRO B 5 9.46 8.27 12.50
CA PRO B 5 9.01 7.51 13.65
C PRO B 5 10.19 7.21 14.58
N ARG B 6 9.95 7.16 15.89
CA ARG B 6 10.97 6.74 16.86
C ARG B 6 10.91 5.23 17.05
N CYS B 7 12.06 4.58 17.17
CA CYS B 7 12.11 3.15 17.52
C CYS B 7 11.48 2.98 18.89
N PRO B 8 10.59 1.96 19.07
CA PRO B 8 9.88 1.86 20.35
C PRO B 8 10.65 1.17 21.49
N GLY B 9 11.95 0.90 21.29
CA GLY B 9 12.84 0.41 22.34
C GLY B 9 13.41 -0.95 22.00
N ASP B 10 14.55 -1.29 22.59
CA ASP B 10 15.19 -2.59 22.35
C ASP B 10 14.36 -3.76 22.90
N ASP B 11 13.56 -3.49 23.94
CA ASP B 11 12.60 -4.47 24.48
C ASP B 11 11.18 -4.37 23.88
N ALA B 12 11.03 -3.71 22.73
CA ALA B 12 9.72 -3.59 22.10
C ALA B 12 9.15 -4.97 21.74
N SER B 13 7.83 -5.11 21.87
CA SER B 13 7.14 -6.32 21.43
C SER B 13 7.30 -6.48 19.92
N ILE B 14 7.12 -7.71 19.44
CA ILE B 14 7.16 -8.00 18.01
C ILE B 14 6.06 -7.23 17.29
N GLU B 15 4.87 -7.18 17.89
CA GLU B 15 3.79 -6.33 17.37
C GLU B 15 4.19 -4.86 17.21
N ASP B 16 4.85 -4.31 18.23
CA ASP B 16 5.29 -2.91 18.21
C ASP B 16 6.35 -2.67 17.12
N LEU B 17 7.26 -3.62 16.94
CA LEU B 17 8.25 -3.54 15.85
C LEU B 17 7.62 -3.57 14.47
N HIS B 18 6.58 -4.40 14.30
CA HIS B 18 5.83 -4.45 13.04
C HIS B 18 5.14 -3.11 12.76
N GLU B 19 4.51 -2.55 13.78
CA GLU B 19 3.87 -1.22 13.66
C GLU B 19 4.89 -0.14 13.29
N TYR B 20 6.05 -0.20 13.92
CA TYR B 20 7.16 0.70 13.61
C TYR B 20 7.71 0.49 12.20
N TRP B 21 7.84 -0.77 11.79
CA TRP B 21 8.32 -1.09 10.45
C TRP B 21 7.43 -0.49 9.36
N ALA B 22 6.11 -0.60 9.54
CA ALA B 22 5.16 -0.06 8.55
C ALA B 22 5.22 1.47 8.51
N ARG B 23 5.41 2.11 9.67
CA ARG B 23 5.60 3.57 9.68
C ARG B 23 6.90 3.99 8.96
N LEU B 24 7.99 3.27 9.24
CA LEU B 24 9.28 3.51 8.58
C LEU B 24 9.21 3.36 7.06
N TRP B 25 8.51 2.32 6.62
CA TRP B 25 8.31 2.04 5.20
C TRP B 25 7.77 3.27 4.50
N ASN B 26 6.72 3.85 5.08
CA ASN B 26 6.09 5.06 4.51
C ASN B 26 6.97 6.29 4.69
N TYR B 27 7.59 6.44 5.87
CA TYR B 27 8.48 7.58 6.11
C TYR B 27 9.63 7.62 5.12
N LEU B 28 10.32 6.48 4.97
CA LEU B 28 11.48 6.39 4.09
C LEU B 28 11.10 6.61 2.63
N TYR B 29 9.97 6.04 2.21
CA TYR B 29 9.41 6.33 0.89
C TYR B 29 9.23 7.82 0.71
N ARG B 30 8.64 8.49 1.70
CA ARG B 30 8.31 9.93 1.59
C ARG B 30 9.51 10.86 1.54
N VAL B 31 10.51 10.60 2.38
CA VAL B 31 11.76 11.40 2.34
C VAL B 31 12.65 11.02 1.14
N ALA B 32 12.24 9.96 0.44
CA ALA B 32 12.59 9.72 -0.97
C ALA B 32 14.01 9.22 -1.12
N PRO C 2 18.17 -15.80 15.55
CA PRO C 2 18.13 -14.61 14.67
C PRO C 2 18.47 -13.33 15.42
N ARG C 3 19.47 -12.60 14.93
CA ARG C 3 19.99 -11.40 15.58
C ARG C 3 18.96 -10.28 15.42
N ARG C 4 18.41 -9.81 16.53
CA ARG C 4 17.54 -8.63 16.53
C ARG C 4 18.42 -7.40 16.25
N PRO C 5 18.13 -6.64 15.18
CA PRO C 5 18.89 -5.41 15.00
C PRO C 5 18.52 -4.40 16.08
N ARG C 6 19.51 -3.65 16.58
CA ARG C 6 19.25 -2.66 17.64
C ARG C 6 18.58 -1.43 17.06
N CYS C 7 17.83 -0.72 17.89
CA CYS C 7 17.23 0.55 17.49
C CYS C 7 18.31 1.43 16.83
N PRO C 8 18.00 2.02 15.67
CA PRO C 8 19.02 2.73 14.87
C PRO C 8 19.57 4.02 15.51
N GLY C 9 18.83 4.60 16.44
CA GLY C 9 19.21 5.87 17.06
C GLY C 9 18.49 6.97 16.32
N ASP C 10 17.93 7.92 17.08
CA ASP C 10 17.09 8.97 16.49
C ASP C 10 17.85 9.98 15.60
N ASP C 11 19.18 9.99 15.70
CA ASP C 11 20.06 10.75 14.80
C ASP C 11 20.57 9.98 13.56
N ALA C 12 19.99 8.81 13.26
CA ALA C 12 20.50 7.97 12.18
C ALA C 12 20.33 8.65 10.82
N SER C 13 21.31 8.47 9.95
CA SER C 13 21.19 8.89 8.55
C SER C 13 20.09 8.09 7.85
N ILE C 14 19.59 8.63 6.75
CA ILE C 14 18.54 7.96 5.99
C ILE C 14 19.05 6.61 5.45
N GLU C 15 20.32 6.58 5.05
CA GLU C 15 20.96 5.34 4.58
C GLU C 15 21.01 4.29 5.69
N ASP C 16 21.41 4.71 6.88
CA ASP C 16 21.42 3.81 8.04
C ASP C 16 20.03 3.35 8.46
N LEU C 17 19.03 4.23 8.34
CA LEU C 17 17.63 3.85 8.62
C LEU C 17 17.09 2.86 7.59
N HIS C 18 17.46 3.06 6.33
CA HIS C 18 17.14 2.12 5.25
C HIS C 18 17.73 0.73 5.56
N GLU C 19 19.01 0.69 5.93
CA GLU C 19 19.66 -0.57 6.32
C GLU C 19 18.89 -1.23 7.47
N TYR C 20 18.62 -0.46 8.51
CA TYR C 20 17.86 -0.97 9.66
C TYR C 20 16.47 -1.48 9.27
N TRP C 21 15.75 -0.71 8.45
CA TRP C 21 14.42 -1.11 7.94
C TRP C 21 14.45 -2.49 7.26
N ALA C 22 15.41 -2.68 6.36
CA ALA C 22 15.57 -3.96 5.65
C ALA C 22 15.89 -5.09 6.62
N ARG C 23 16.83 -4.84 7.52
CA ARG C 23 17.27 -5.85 8.48
C ARG C 23 16.17 -6.19 9.49
N LEU C 24 15.38 -5.19 9.87
CA LEU C 24 14.23 -5.42 10.74
C LEU C 24 13.22 -6.34 10.05
N TRP C 25 12.90 -6.09 8.78
CA TRP C 25 11.98 -6.98 8.08
C TRP C 25 12.50 -8.43 8.09
N ASN C 26 13.75 -8.62 7.72
CA ASN C 26 14.36 -9.96 7.72
C ASN C 26 14.21 -10.61 9.08
N TYR C 27 14.53 -9.86 10.14
CA TYR C 27 14.40 -10.35 11.51
C TYR C 27 12.97 -10.76 11.86
N LEU C 28 12.00 -9.89 11.54
CA LEU C 28 10.58 -10.19 11.79
C LEU C 28 10.09 -11.39 10.97
N TYR C 29 10.66 -11.59 9.78
CA TYR C 29 10.37 -12.77 8.97
C TYR C 29 10.94 -14.04 9.61
N ARG C 30 12.18 -13.96 10.09
CA ARG C 30 12.90 -15.10 10.63
C ARG C 30 12.39 -15.55 12.00
N VAL C 31 11.72 -14.66 12.75
CA VAL C 31 11.12 -15.03 14.05
C VAL C 31 9.63 -15.38 13.97
N ALA C 32 9.00 -15.17 12.80
CA ALA C 32 7.56 -15.46 12.63
C ALA C 32 7.26 -16.96 12.77
PG GNP D . -1.87 12.48 -3.43
O1G GNP D . -1.43 11.50 -4.60
O2G GNP D . -1.23 12.07 -2.01
O3G GNP D . -1.46 13.87 -3.77
N3B GNP D . -3.59 12.45 -3.24
PB GNP D . -4.41 10.98 -2.82
O1B GNP D . -4.43 10.02 -3.95
O2B GNP D . -3.74 10.31 -1.52
O3A GNP D . -5.94 11.40 -2.57
PA GNP D . -6.49 11.90 -1.17
O1A GNP D . -6.77 10.66 -0.34
O2A GNP D . -5.63 13.01 -0.62
O5' GNP D . -7.88 12.57 -1.64
C5' GNP D . -7.90 13.76 -2.42
C4' GNP D . -9.28 14.41 -2.32
O4' GNP D . -10.25 13.47 -2.76
C3' GNP D . -9.64 14.76 -0.88
O3' GNP D . -10.36 15.99 -0.84
C2' GNP D . -10.54 13.63 -0.43
O2' GNP D . -11.47 14.03 0.56
C1' GNP D . -11.21 13.25 -1.74
N9 GNP D . -11.64 11.84 -1.78
C8 GNP D . -10.85 10.76 -1.63
N7 GNP D . -11.58 9.62 -1.74
C5 GNP D . -12.86 9.99 -1.95
C6 GNP D . -14.15 9.30 -2.15
O6 GNP D . -14.22 8.06 -2.15
N1 GNP D . -15.25 10.05 -2.36
C2 GNP D . -15.22 11.41 -2.38
N2 GNP D . -16.37 12.10 -2.58
N3 GNP D . -14.06 12.10 -2.20
C4 GNP D . -12.89 11.46 -1.98
MG MG E . -2.09 11.07 -0.54
MG MG F . -4.78 6.50 -11.78
S SO4 G . 22.86 -4.40 15.15
O1 SO4 G . 22.27 -4.21 16.50
O2 SO4 G . 22.47 -5.72 14.63
O3 SO4 G . 22.37 -3.30 14.30
O4 SO4 G . 24.33 -4.29 15.23
#